data_7OV0
#
_entry.id   7OV0
#
_cell.length_a   77.396
_cell.length_b   116.562
_cell.length_c   61.958
_cell.angle_alpha   90.000
_cell.angle_beta   90.000
_cell.angle_gamma   90.000
#
_symmetry.space_group_name_H-M   'C 2 2 21'
#
loop_
_entity.id
_entity.type
_entity.pdbx_description
1 polymer "Uridine 5'-monophosphate synthase"
2 non-polymer GLYCEROL
3 non-polymer 'SULFATE ION'
4 non-polymer PROLINE
5 water water
#
_entity_poly.entity_id   1
_entity_poly.type   'polypeptide(L)'
_entity_poly.pdbx_seq_one_letter_code
;MELSFGARAELPRIHPVASKLLRLMQKKETNLCLSADVSLARELLQLADALGPSICMLKTHVDILNDFTLDVMKELITLA
K(CSS)HEFLIFEDRKFADIGNTVKKQYEGGIFKIASWADLVNAHVVPGSGVVKGLQEVGLPLHRGCLLIAEMSSTGSLA
TGDYTRAAVRMAEEHSEFVVGFISGSRVSMKPEFLHLTPGVQLEAGGDNLGQQYNSPQEVIGKRGSDIIIVGRGIISAAD
RLEAAEMYRKAAWEAYLSRLGV
;
_entity_poly.pdbx_strand_id   A
#
# COMPACT_ATOMS: atom_id res chain seq x y z
N MET A 1 -3.20 10.81 21.96
CA MET A 1 -2.40 9.66 22.41
C MET A 1 -1.90 8.91 21.17
N GLU A 2 -1.51 9.68 20.16
CA GLU A 2 -0.93 9.10 18.96
C GLU A 2 0.46 8.54 19.26
N LEU A 3 0.70 7.35 18.75
CA LEU A 3 1.95 6.64 18.89
C LEU A 3 2.79 6.76 17.63
N SER A 4 4.10 6.73 17.82
CA SER A 4 5.02 6.66 16.70
C SER A 4 4.82 5.37 15.90
N PHE A 5 5.36 5.36 14.68
CA PHE A 5 5.32 4.14 13.89
C PHE A 5 5.98 2.98 14.65
N GLY A 6 7.12 3.23 15.29
CA GLY A 6 7.81 2.16 16.01
C GLY A 6 7.00 1.60 17.16
N ALA A 7 6.27 2.46 17.88
CA ALA A 7 5.40 1.96 18.94
C ALA A 7 4.18 1.25 18.37
N ARG A 8 3.62 1.75 17.26
CA ARG A 8 2.49 1.06 16.64
C ARG A 8 2.88 -0.35 16.21
N ALA A 9 4.13 -0.55 15.82
CA ALA A 9 4.61 -1.86 15.42
C ALA A 9 4.52 -2.88 16.54
N GLU A 10 4.43 -2.43 17.79
CA GLU A 10 4.36 -3.31 18.96
C GLU A 10 2.94 -3.48 19.50
N LEU A 11 1.93 -2.87 18.90
CA LEU A 11 0.59 -2.94 19.47
C LEU A 11 0.11 -4.39 19.58
N PRO A 12 -0.67 -4.69 20.62
CA PRO A 12 -1.12 -6.08 20.84
C PRO A 12 -1.79 -6.72 19.64
N ARG A 13 -2.65 -5.99 18.94
CA ARG A 13 -3.45 -6.54 17.86
C ARG A 13 -2.80 -6.32 16.49
N ILE A 14 -1.54 -5.86 16.45
CA ILE A 14 -0.90 -5.60 15.17
C ILE A 14 -0.75 -6.88 14.36
N HIS A 15 -0.96 -6.77 13.06
CA HIS A 15 -0.68 -7.87 12.15
C HIS A 15 0.83 -7.95 11.90
N PRO A 16 1.39 -9.16 11.78
N PRO A 16 1.40 -9.15 11.82
CA PRO A 16 2.85 -9.24 11.58
CA PRO A 16 2.85 -9.25 11.57
C PRO A 16 3.37 -8.49 10.37
C PRO A 16 3.33 -8.43 10.38
N VAL A 17 2.59 -8.39 9.28
CA VAL A 17 3.07 -7.68 8.10
C VAL A 17 3.09 -6.19 8.38
N ALA A 18 2.04 -5.69 9.05
CA ALA A 18 2.02 -4.31 9.47
C ALA A 18 3.16 -3.99 10.42
N SER A 19 3.46 -4.88 11.36
N SER A 19 3.49 -4.88 11.35
CA SER A 19 4.55 -4.66 12.30
CA SER A 19 4.56 -4.59 12.30
C SER A 19 5.88 -4.54 11.59
C SER A 19 5.91 -4.54 11.61
N LYS A 20 6.15 -5.44 10.66
CA LYS A 20 7.39 -5.40 9.88
C LYS A 20 7.50 -4.07 9.13
N LEU A 21 6.42 -3.67 8.49
CA LEU A 21 6.39 -2.40 7.77
C LEU A 21 6.66 -1.21 8.69
N LEU A 22 5.93 -1.14 9.80
CA LEU A 22 6.09 -0.01 10.71
C LEU A 22 7.50 0.08 11.27
N ARG A 23 8.09 -1.07 11.60
N ARG A 23 8.10 -1.06 11.55
CA ARG A 23 9.46 -1.06 12.09
CA ARG A 23 9.46 -1.08 12.09
C ARG A 23 10.43 -0.50 11.05
C ARG A 23 10.48 -0.58 11.07
N LEU A 24 10.32 -0.94 9.80
CA LEU A 24 11.26 -0.45 8.78
C LEU A 24 11.00 1.01 8.43
N MET A 25 9.74 1.46 8.53
CA MET A 25 9.44 2.88 8.35
C MET A 25 10.19 3.71 9.37
N GLN A 26 10.12 3.29 10.64
CA GLN A 26 10.80 4.01 11.71
C GLN A 26 12.31 3.95 11.54
N LYS A 27 12.85 2.77 11.20
CA LYS A 27 14.29 2.60 11.08
C LYS A 27 14.85 3.49 9.98
N LYS A 28 14.17 3.53 8.84
CA LYS A 28 14.66 4.19 7.64
C LYS A 28 14.16 5.63 7.49
N GLU A 29 13.29 6.07 8.38
N GLU A 29 13.27 6.06 8.38
CA GLU A 29 12.66 7.39 8.28
CA GLU A 29 12.66 7.40 8.29
C GLU A 29 12.02 7.56 6.90
C GLU A 29 11.96 7.60 6.95
N THR A 30 11.18 6.60 6.55
CA THR A 30 10.40 6.73 5.33
C THR A 30 9.00 6.18 5.50
N ASN A 31 8.05 6.97 5.00
CA ASN A 31 6.65 6.61 4.85
C ASN A 31 6.20 6.85 3.42
N LEU A 32 7.13 6.60 2.49
CA LEU A 32 6.89 6.71 1.05
C LEU A 32 6.77 5.31 0.42
N CYS A 33 5.67 5.12 -0.32
CA CYS A 33 5.48 3.95 -1.17
C CYS A 33 5.64 4.41 -2.62
N LEU A 34 6.63 3.84 -3.31
CA LEU A 34 6.81 4.11 -4.74
C LEU A 34 5.81 3.33 -5.55
N SER A 35 5.05 4.01 -6.39
CA SER A 35 4.20 3.36 -7.38
C SER A 35 5.03 3.17 -8.64
N ALA A 36 5.55 1.96 -8.84
CA ALA A 36 6.53 1.67 -9.87
C ALA A 36 5.81 1.38 -11.17
N ASP A 37 5.24 2.45 -11.72
N ASP A 37 5.22 2.43 -11.76
CA ASP A 37 4.37 2.37 -12.88
CA ASP A 37 4.29 2.25 -12.87
C ASP A 37 5.24 2.48 -14.12
C ASP A 37 5.02 2.36 -14.22
N VAL A 38 5.75 1.29 -14.50
CA VAL A 38 6.59 1.10 -15.66
C VAL A 38 6.17 -0.20 -16.35
N SER A 39 6.54 -0.30 -17.62
CA SER A 39 6.19 -1.50 -18.39
C SER A 39 7.37 -2.44 -18.61
N LEU A 40 8.58 -2.07 -18.19
CA LEU A 40 9.78 -2.87 -18.41
C LEU A 40 10.33 -3.40 -17.10
N ALA A 41 10.59 -4.70 -17.05
CA ALA A 41 11.21 -5.31 -15.88
C ALA A 41 12.52 -4.63 -15.50
N ARG A 42 13.36 -4.30 -16.49
CA ARG A 42 14.65 -3.70 -16.14
C ARG A 42 14.44 -2.37 -15.43
N GLU A 43 13.49 -1.56 -15.92
CA GLU A 43 13.23 -0.27 -15.27
C GLU A 43 12.68 -0.48 -13.86
N LEU A 44 11.76 -1.44 -13.70
CA LEU A 44 11.23 -1.78 -12.38
C LEU A 44 12.37 -2.11 -11.41
N LEU A 45 13.28 -2.99 -11.84
CA LEU A 45 14.36 -3.43 -10.97
C LEU A 45 15.37 -2.32 -10.71
N GLN A 46 15.68 -1.52 -11.72
CA GLN A 46 16.63 -0.43 -11.52
C GLN A 46 16.05 0.63 -10.58
N LEU A 47 14.75 0.91 -10.70
CA LEU A 47 14.11 1.81 -9.74
C LEU A 47 14.11 1.22 -8.33
N ALA A 48 13.76 -0.06 -8.21
CA ALA A 48 13.71 -0.70 -6.89
C ALA A 48 15.07 -0.66 -6.21
N ASP A 49 16.14 -0.87 -6.97
CA ASP A 49 17.48 -0.87 -6.39
C ASP A 49 17.87 0.54 -5.96
N ALA A 50 17.69 1.52 -6.84
CA ALA A 50 18.17 2.87 -6.55
C ALA A 50 17.33 3.56 -5.49
N LEU A 51 16.01 3.34 -5.52
CA LEU A 51 15.10 4.02 -4.62
C LEU A 51 14.79 3.19 -3.37
N GLY A 52 15.23 1.92 -3.33
CA GLY A 52 14.95 1.07 -2.20
C GLY A 52 15.24 1.68 -0.85
N PRO A 53 16.41 2.32 -0.68
CA PRO A 53 16.72 2.93 0.62
C PRO A 53 15.78 4.04 1.04
N SER A 54 15.08 4.66 0.09
CA SER A 54 14.21 5.79 0.33
C SER A 54 12.76 5.43 0.59
N ILE A 55 12.37 4.17 0.42
CA ILE A 55 10.96 3.78 0.40
C ILE A 55 10.69 2.74 1.48
N CYS A 56 9.44 2.72 1.97
CA CYS A 56 8.99 1.66 2.85
C CYS A 56 8.32 0.54 2.08
N MET A 57 7.97 0.78 0.81
CA MET A 57 7.12 -0.10 0.05
C MET A 57 7.29 0.23 -1.41
N LEU A 58 7.18 -0.80 -2.24
CA LEU A 58 7.16 -0.69 -3.69
C LEU A 58 5.86 -1.31 -4.13
N LYS A 59 5.05 -0.53 -4.83
CA LYS A 59 3.74 -0.94 -5.32
C LYS A 59 3.85 -1.26 -6.80
N THR A 60 3.39 -2.44 -7.19
CA THR A 60 3.43 -2.94 -8.54
C THR A 60 2.05 -2.98 -9.17
N HIS A 61 2.05 -2.95 -10.50
CA HIS A 61 0.94 -3.43 -11.32
C HIS A 61 1.55 -4.47 -12.25
N VAL A 62 1.62 -5.73 -11.81
N VAL A 62 1.63 -5.73 -11.80
CA VAL A 62 2.36 -6.73 -12.65
CA VAL A 62 2.32 -6.80 -12.58
C VAL A 62 1.69 -6.98 -14.00
C VAL A 62 1.70 -6.97 -13.98
N ASP A 63 0.34 -6.67 -14.06
CA ASP A 63 -0.39 -6.86 -15.32
C ASP A 63 -0.11 -5.79 -16.36
N ILE A 64 0.76 -4.82 -16.05
N ILE A 64 0.78 -4.82 -16.09
CA ILE A 64 1.22 -3.83 -17.02
CA ILE A 64 1.26 -3.91 -17.12
C ILE A 64 2.63 -4.14 -17.50
C ILE A 64 2.72 -4.14 -17.48
N LEU A 65 3.33 -5.08 -16.84
N LEU A 65 3.37 -5.12 -16.84
CA LEU A 65 4.71 -5.46 -17.21
CA LEU A 65 4.75 -5.50 -17.21
C LEU A 65 4.63 -6.26 -18.53
C LEU A 65 4.65 -6.27 -18.53
N ASN A 66 5.36 -5.66 -19.57
CA ASN A 66 5.34 -6.34 -20.86
C ASN A 66 6.14 -7.63 -20.83
N ASP A 67 7.13 -7.72 -19.94
CA ASP A 67 8.08 -8.81 -19.85
C ASP A 67 8.06 -9.43 -18.45
N PHE A 68 6.88 -9.52 -17.85
CA PHE A 68 6.73 -10.25 -16.60
C PHE A 68 7.20 -11.68 -16.74
N THR A 69 7.96 -12.14 -15.74
CA THR A 69 8.17 -13.55 -15.45
C THR A 69 8.24 -13.67 -13.93
N LEU A 70 8.09 -14.90 -13.42
CA LEU A 70 8.26 -15.11 -11.99
C LEU A 70 9.69 -14.82 -11.55
N ASP A 71 10.66 -14.99 -12.46
N ASP A 71 10.66 -15.00 -12.46
CA ASP A 71 12.04 -14.69 -12.09
CA ASP A 71 12.04 -14.68 -12.11
C ASP A 71 12.27 -13.18 -11.91
C ASP A 71 12.21 -13.19 -11.84
N VAL A 72 11.50 -12.33 -12.59
CA VAL A 72 11.56 -10.89 -12.29
C VAL A 72 11.16 -10.65 -10.84
N MET A 73 10.12 -11.34 -10.40
N MET A 73 10.09 -11.34 -10.41
CA MET A 73 9.63 -11.13 -9.05
CA MET A 73 9.62 -11.16 -9.04
C MET A 73 10.62 -11.67 -8.01
C MET A 73 10.67 -11.63 -8.04
N LYS A 74 11.34 -12.74 -8.35
CA LYS A 74 12.41 -13.21 -7.48
C LYS A 74 13.48 -12.14 -7.32
N GLU A 75 13.86 -11.48 -8.43
CA GLU A 75 14.84 -10.41 -8.35
C GLU A 75 14.32 -9.22 -7.54
N LEU A 76 13.03 -8.92 -7.68
CA LEU A 76 12.45 -7.85 -6.89
C LEU A 76 12.49 -8.17 -5.41
N ILE A 77 12.17 -9.41 -5.04
CA ILE A 77 12.25 -9.85 -3.64
C ILE A 77 13.67 -9.68 -3.10
N THR A 78 14.69 -10.04 -3.90
CA THR A 78 16.05 -9.86 -3.44
C THR A 78 16.30 -8.40 -3.06
N LEU A 79 15.84 -7.47 -3.90
CA LEU A 79 16.02 -6.06 -3.62
C LEU A 79 15.20 -5.60 -2.41
N ALA A 80 13.97 -6.11 -2.27
CA ALA A 80 13.14 -5.78 -1.13
C ALA A 80 13.78 -6.23 0.18
N LYS A 81 14.40 -7.41 0.18
CA LYS A 81 15.08 -7.90 1.38
C LYS A 81 16.33 -7.08 1.67
N HIS A 83 17.17 -3.90 0.69
CA HIS A 83 16.92 -2.52 1.05
C HIS A 83 15.86 -2.33 2.12
N GLU A 84 15.12 -3.40 2.44
CA GLU A 84 14.09 -3.42 3.47
C GLU A 84 12.87 -2.59 3.06
N PHE A 85 12.08 -3.15 2.15
CA PHE A 85 10.78 -2.59 1.83
C PHE A 85 9.82 -3.74 1.53
N LEU A 86 8.53 -3.48 1.67
N LEU A 86 8.52 -3.46 1.66
CA LEU A 86 7.53 -4.48 1.32
CA LEU A 86 7.49 -4.43 1.31
C LEU A 86 7.09 -4.31 -0.14
C LEU A 86 7.15 -4.32 -0.17
N ILE A 87 6.60 -5.40 -0.72
CA ILE A 87 6.05 -5.42 -2.08
C ILE A 87 4.54 -5.48 -1.98
N PHE A 88 3.87 -4.51 -2.62
CA PHE A 88 2.41 -4.36 -2.62
C PHE A 88 1.95 -4.46 -4.07
N GLU A 89 1.23 -5.55 -4.41
CA GLU A 89 0.63 -5.68 -5.75
C GLU A 89 -0.74 -5.01 -5.71
N ASP A 90 -0.90 -3.95 -6.49
CA ASP A 90 -2.12 -3.13 -6.53
C ASP A 90 -3.12 -3.73 -7.53
N ARG A 91 -3.58 -4.95 -7.19
CA ARG A 91 -4.43 -5.73 -8.04
C ARG A 91 -5.90 -5.32 -7.93
N LYS A 92 -6.29 -4.68 -6.84
CA LYS A 92 -7.67 -4.25 -6.66
C LYS A 92 -8.65 -5.40 -6.92
N PHE A 93 -8.42 -6.52 -6.21
CA PHE A 93 -9.35 -7.63 -6.30
C PHE A 93 -10.78 -7.13 -6.02
N ALA A 94 -11.73 -7.65 -6.79
CA ALA A 94 -13.07 -7.02 -6.78
C ALA A 94 -14.13 -7.96 -7.32
N ASP A 95 -13.92 -9.26 -7.13
CA ASP A 95 -14.79 -10.31 -7.61
C ASP A 95 -15.37 -11.05 -6.40
N ILE A 96 -16.24 -12.02 -6.70
CA ILE A 96 -16.75 -12.89 -5.66
C ILE A 96 -15.59 -13.67 -5.03
N GLY A 97 -15.81 -14.10 -3.78
CA GLY A 97 -14.76 -14.77 -3.04
C GLY A 97 -14.19 -15.99 -3.74
N ASN A 98 -15.04 -16.81 -4.35
CA ASN A 98 -14.52 -18.02 -4.96
C ASN A 98 -13.57 -17.72 -6.11
N THR A 99 -13.79 -16.61 -6.81
CA THR A 99 -12.94 -16.22 -7.94
C THR A 99 -11.65 -15.58 -7.45
N VAL A 100 -11.73 -14.64 -6.51
CA VAL A 100 -10.52 -13.92 -6.13
C VAL A 100 -9.48 -14.86 -5.53
N LYS A 101 -9.89 -15.94 -4.84
N LYS A 101 -9.92 -15.93 -4.85
CA LYS A 101 -8.86 -16.82 -4.29
CA LYS A 101 -9.02 -16.92 -4.29
C LYS A 101 -8.00 -17.38 -5.41
C LYS A 101 -8.08 -17.47 -5.36
N LYS A 102 -8.62 -17.73 -6.54
CA LYS A 102 -7.86 -18.28 -7.66
C LYS A 102 -6.99 -17.21 -8.33
N GLN A 103 -7.53 -15.98 -8.46
CA GLN A 103 -6.76 -14.88 -9.05
C GLN A 103 -5.56 -14.50 -8.20
N TYR A 104 -5.65 -14.73 -6.89
CA TYR A 104 -4.56 -14.40 -5.96
C TYR A 104 -3.49 -15.46 -5.95
N GLU A 105 -3.87 -16.72 -5.92
CA GLU A 105 -2.90 -17.81 -5.80
C GLU A 105 -2.32 -18.23 -7.14
N GLY A 106 -3.13 -18.22 -8.19
CA GLY A 106 -2.85 -18.97 -9.39
C GLY A 106 -2.55 -18.15 -10.63
N GLY A 107 -2.93 -18.71 -11.77
CA GLY A 107 -2.65 -18.12 -13.05
C GLY A 107 -1.15 -17.95 -13.28
N ILE A 108 -0.83 -17.09 -14.24
N ILE A 108 -0.82 -17.08 -14.23
CA ILE A 108 0.56 -16.82 -14.59
CA ILE A 108 0.59 -16.89 -14.56
C ILE A 108 1.26 -16.08 -13.45
C ILE A 108 1.30 -15.99 -13.55
N PHE A 109 0.57 -15.14 -12.81
CA PHE A 109 1.26 -14.21 -11.93
C PHE A 109 1.59 -14.78 -10.56
N LYS A 110 0.83 -15.74 -10.06
N LYS A 110 0.84 -15.74 -10.06
CA LYS A 110 1.04 -16.29 -8.72
CA LYS A 110 1.01 -16.29 -8.71
C LYS A 110 1.28 -15.18 -7.68
C LYS A 110 1.31 -15.17 -7.71
N ILE A 111 0.38 -14.21 -7.64
CA ILE A 111 0.59 -13.00 -6.84
C ILE A 111 0.95 -13.31 -5.39
N ALA A 112 0.21 -14.23 -4.77
CA ALA A 112 0.44 -14.51 -3.34
C ALA A 112 1.83 -15.02 -3.06
N SER A 113 2.51 -15.59 -4.05
N SER A 113 2.51 -15.59 -4.05
CA SER A 113 3.84 -16.12 -3.82
CA SER A 113 3.84 -16.13 -3.80
C SER A 113 4.91 -15.06 -3.63
C SER A 113 4.88 -15.03 -3.54
N TRP A 114 4.67 -13.82 -4.06
CA TRP A 114 5.67 -12.77 -3.98
C TRP A 114 5.17 -11.46 -3.37
N ALA A 115 3.87 -11.21 -3.28
CA ALA A 115 3.38 -9.94 -2.77
C ALA A 115 3.14 -10.02 -1.26
N ASP A 116 3.82 -9.17 -0.50
CA ASP A 116 3.53 -9.06 0.94
C ASP A 116 2.10 -8.58 1.16
N LEU A 117 1.69 -7.59 0.37
CA LEU A 117 0.39 -6.94 0.47
C LEU A 117 -0.30 -6.97 -0.88
N VAL A 118 -1.63 -7.09 -0.83
CA VAL A 118 -2.52 -6.83 -1.94
C VAL A 118 -3.63 -5.94 -1.43
N ASN A 119 -4.47 -5.48 -2.34
CA ASN A 119 -5.64 -4.70 -1.97
C ASN A 119 -6.89 -5.25 -2.64
N ALA A 120 -8.02 -4.83 -2.09
CA ALA A 120 -9.33 -5.27 -2.55
C ALA A 120 -10.34 -4.16 -2.43
N HIS A 121 -11.24 -4.10 -3.40
CA HIS A 121 -12.45 -3.31 -3.28
C HIS A 121 -13.46 -4.06 -2.43
N VAL A 122 -14.29 -3.29 -1.71
CA VAL A 122 -15.26 -3.86 -0.80
C VAL A 122 -16.64 -4.03 -1.42
N VAL A 123 -16.84 -3.55 -2.64
CA VAL A 123 -18.15 -3.61 -3.29
C VAL A 123 -18.76 -5.00 -3.35
N PRO A 124 -18.01 -6.11 -3.49
CA PRO A 124 -18.69 -7.43 -3.52
C PRO A 124 -19.26 -7.88 -2.19
N GLY A 125 -18.97 -7.19 -1.10
CA GLY A 125 -19.24 -7.70 0.23
C GLY A 125 -18.06 -8.49 0.74
N SER A 126 -18.19 -8.96 1.99
CA SER A 126 -17.04 -9.49 2.70
C SER A 126 -16.53 -10.81 2.15
N GLY A 127 -17.28 -11.48 1.28
CA GLY A 127 -16.73 -12.64 0.63
C GLY A 127 -15.45 -12.38 -0.13
N VAL A 128 -15.24 -11.14 -0.62
CA VAL A 128 -13.98 -10.84 -1.31
C VAL A 128 -12.81 -11.06 -0.35
N VAL A 129 -12.97 -10.61 0.89
CA VAL A 129 -11.92 -10.77 1.90
C VAL A 129 -11.80 -12.23 2.32
N LYS A 130 -12.93 -12.90 2.53
N LYS A 130 -12.93 -12.89 2.56
CA LYS A 130 -12.88 -14.30 2.95
CA LYS A 130 -12.88 -14.29 2.95
C LYS A 130 -12.20 -15.17 1.89
C LYS A 130 -12.15 -15.12 1.89
N GLY A 131 -12.44 -14.88 0.61
CA GLY A 131 -11.78 -15.65 -0.43
C GLY A 131 -10.28 -15.40 -0.46
N LEU A 132 -9.88 -14.13 -0.41
CA LEU A 132 -8.45 -13.84 -0.39
C LEU A 132 -7.75 -14.45 0.82
N GLN A 133 -8.40 -14.37 1.98
N GLN A 133 -8.43 -14.39 1.98
CA GLN A 133 -7.73 -14.82 3.20
CA GLN A 133 -7.83 -14.87 3.22
C GLN A 133 -7.56 -16.33 3.24
C GLN A 133 -7.49 -16.34 3.14
N GLU A 134 -8.33 -17.08 2.43
N GLU A 134 -8.31 -17.13 2.44
CA GLU A 134 -8.10 -18.52 2.35
CA GLU A 134 -8.10 -18.56 2.33
C GLU A 134 -6.68 -18.80 1.88
C GLU A 134 -6.75 -18.91 1.72
N VAL A 135 -6.19 -18.01 0.93
CA VAL A 135 -4.84 -18.13 0.38
C VAL A 135 -3.85 -17.33 1.22
N GLY A 136 -4.22 -16.11 1.60
CA GLY A 136 -3.27 -15.20 2.22
C GLY A 136 -2.91 -15.51 3.65
N LEU A 137 -3.89 -15.97 4.45
N LEU A 137 -3.85 -16.03 4.43
CA LEU A 137 -3.57 -16.31 5.84
CA LEU A 137 -3.53 -16.28 5.83
C LEU A 137 -2.51 -17.39 5.92
C LEU A 137 -2.52 -17.42 5.97
N PRO A 138 -2.64 -18.53 5.23
CA PRO A 138 -1.58 -19.56 5.31
C PRO A 138 -0.23 -19.06 4.83
N LEU A 139 -0.22 -18.10 3.90
CA LEU A 139 1.01 -17.53 3.37
C LEU A 139 1.46 -16.30 4.14
N HIS A 140 0.84 -16.01 5.29
N HIS A 140 0.80 -15.98 5.25
CA HIS A 140 1.27 -14.93 6.18
CA HIS A 140 1.32 -14.96 6.14
C HIS A 140 1.26 -13.56 5.50
C HIS A 140 1.32 -13.60 5.44
N ARG A 141 0.32 -13.36 4.60
CA ARG A 141 0.19 -12.12 3.84
C ARG A 141 -0.79 -11.16 4.50
N GLY A 142 -0.82 -9.93 4.00
CA GLY A 142 -1.80 -8.95 4.42
C GLY A 142 -2.53 -8.34 3.24
N CYS A 143 -3.64 -7.68 3.59
N CYS A 143 -3.63 -7.66 3.58
CA CYS A 143 -4.51 -7.04 2.61
CA CYS A 143 -4.53 -7.07 2.59
C CYS A 143 -4.91 -5.65 3.07
C CYS A 143 -5.01 -5.70 3.05
N LEU A 144 -5.09 -4.76 2.09
CA LEU A 144 -5.60 -3.41 2.31
C LEU A 144 -6.96 -3.30 1.65
N LEU A 145 -7.92 -2.68 2.32
CA LEU A 145 -9.23 -2.45 1.72
C LEU A 145 -9.34 -1.03 1.22
N ILE A 146 -9.95 -0.88 0.05
CA ILE A 146 -10.09 0.43 -0.59
C ILE A 146 -11.33 1.11 -0.03
N ALA A 147 -11.09 2.03 0.89
CA ALA A 147 -12.15 2.72 1.59
C ALA A 147 -12.55 4.04 0.93
N GLU A 148 -11.62 4.68 0.23
CA GLU A 148 -11.82 5.92 -0.52
C GLU A 148 -10.91 5.83 -1.74
N MET A 149 -11.28 6.56 -2.81
CA MET A 149 -10.43 6.69 -3.99
C MET A 149 -10.17 8.16 -4.28
N SER A 150 -9.06 8.41 -4.96
CA SER A 150 -8.62 9.77 -5.23
C SER A 150 -9.25 10.38 -6.48
N SER A 151 -9.92 9.59 -7.30
CA SER A 151 -10.34 9.99 -8.62
C SER A 151 -11.70 10.69 -8.61
N THR A 152 -11.88 11.52 -9.63
CA THR A 152 -13.08 12.32 -9.74
C THR A 152 -14.30 11.44 -9.96
N GLY A 153 -15.33 11.66 -9.13
CA GLY A 153 -16.54 10.89 -9.20
C GLY A 153 -16.51 9.61 -8.39
N SER A 154 -15.46 9.38 -7.60
CA SER A 154 -15.41 8.20 -6.76
C SER A 154 -16.70 8.01 -5.99
N LEU A 155 -17.18 6.76 -5.96
CA LEU A 155 -18.35 6.38 -5.18
C LEU A 155 -17.97 5.79 -3.83
N ALA A 156 -16.68 5.77 -3.49
CA ALA A 156 -16.23 5.22 -2.22
C ALA A 156 -16.28 6.32 -1.16
N THR A 157 -17.51 6.65 -0.77
CA THR A 157 -17.77 7.75 0.13
C THR A 157 -18.87 7.32 1.11
N GLY A 158 -19.03 8.10 2.18
CA GLY A 158 -20.19 7.91 3.05
C GLY A 158 -20.29 6.50 3.61
N ASP A 159 -21.49 5.91 3.44
CA ASP A 159 -21.72 4.58 3.99
C ASP A 159 -20.82 3.52 3.35
N TYR A 160 -20.36 3.73 2.12
CA TYR A 160 -19.44 2.78 1.49
C TYR A 160 -18.12 2.73 2.26
N THR A 161 -17.57 3.91 2.56
CA THR A 161 -16.35 3.99 3.36
C THR A 161 -16.56 3.35 4.72
N ARG A 162 -17.69 3.63 5.37
CA ARG A 162 -17.96 3.02 6.67
C ARG A 162 -18.01 1.49 6.58
N ALA A 163 -18.59 0.96 5.49
CA ALA A 163 -18.64 -0.48 5.32
C ALA A 163 -17.24 -1.05 5.15
N ALA A 164 -16.36 -0.34 4.45
CA ALA A 164 -14.99 -0.81 4.33
C ALA A 164 -14.30 -0.89 5.68
N VAL A 165 -14.50 0.12 6.53
CA VAL A 165 -13.88 0.12 7.85
C VAL A 165 -14.40 -1.05 8.68
N ARG A 166 -15.72 -1.28 8.67
N ARG A 166 -15.71 -1.29 8.65
CA ARG A 166 -16.28 -2.39 9.42
CA ARG A 166 -16.27 -2.42 9.38
C ARG A 166 -15.76 -3.73 8.92
C ARG A 166 -15.67 -3.74 8.89
N MET A 167 -15.61 -3.85 7.59
N MET A 167 -15.65 -3.94 7.57
CA MET A 167 -15.12 -5.10 7.02
CA MET A 167 -15.10 -5.17 7.03
C MET A 167 -13.67 -5.36 7.43
C MET A 167 -13.67 -5.37 7.52
N ALA A 168 -12.86 -4.31 7.48
CA ALA A 168 -11.48 -4.46 7.94
C ALA A 168 -11.42 -4.87 9.40
N GLU A 169 -12.23 -4.23 10.23
N GLU A 169 -12.22 -4.19 10.25
CA GLU A 169 -12.14 -4.45 11.67
CA GLU A 169 -12.22 -4.50 11.67
C GLU A 169 -12.71 -5.81 12.05
C GLU A 169 -12.52 -5.96 11.89
N GLU A 170 -13.49 -6.46 11.17
CA GLU A 170 -14.00 -7.81 11.34
C GLU A 170 -13.12 -8.88 10.71
N HIS A 171 -12.08 -8.48 9.97
CA HIS A 171 -11.16 -9.40 9.33
C HIS A 171 -9.73 -9.01 9.62
N SER A 172 -9.46 -8.64 10.88
CA SER A 172 -8.17 -8.08 11.26
C SER A 172 -7.04 -9.11 11.29
N GLU A 173 -7.36 -10.40 11.19
N GLU A 173 -7.35 -10.40 11.18
CA GLU A 173 -6.30 -11.39 11.06
CA GLU A 173 -6.30 -11.39 11.04
C GLU A 173 -5.60 -11.29 9.70
C GLU A 173 -5.63 -11.32 9.67
N PHE A 174 -6.24 -10.65 8.72
CA PHE A 174 -5.70 -10.56 7.37
C PHE A 174 -5.63 -9.12 6.86
N VAL A 175 -6.62 -8.30 7.19
CA VAL A 175 -6.66 -6.92 6.72
C VAL A 175 -5.83 -6.06 7.64
N VAL A 176 -4.84 -5.37 7.07
CA VAL A 176 -3.90 -4.57 7.84
C VAL A 176 -4.12 -3.08 7.70
N GLY A 177 -5.06 -2.66 6.86
CA GLY A 177 -5.30 -1.26 6.70
C GLY A 177 -6.08 -0.96 5.44
N PHE A 178 -5.91 0.28 5.00
CA PHE A 178 -6.76 0.88 3.99
C PHE A 178 -5.96 1.60 2.94
N ILE A 179 -6.52 1.62 1.75
CA ILE A 179 -6.28 2.68 0.76
C ILE A 179 -7.37 3.73 1.01
N SER A 180 -6.95 4.95 1.31
CA SER A 180 -7.91 5.99 1.63
C SER A 180 -7.25 7.34 1.40
N GLY A 181 -8.05 8.40 1.43
CA GLY A 181 -7.50 9.74 1.29
C GLY A 181 -7.17 10.40 2.60
N SER A 182 -7.54 9.75 3.70
N SER A 182 -7.68 9.83 3.69
CA SER A 182 -7.45 10.31 5.03
CA SER A 182 -7.59 10.36 5.04
C SER A 182 -7.51 9.15 6.00
C SER A 182 -7.67 9.20 6.02
N ARG A 183 -7.32 9.45 7.27
CA ARG A 183 -7.60 8.49 8.33
C ARG A 183 -9.09 8.17 8.31
N VAL A 184 -9.42 6.89 8.23
CA VAL A 184 -10.80 6.44 8.26
C VAL A 184 -11.11 5.54 9.46
N SER A 185 -10.11 4.95 10.08
CA SER A 185 -10.27 4.16 11.28
C SER A 185 -9.53 4.85 12.42
N MET A 186 -10.12 4.80 13.61
CA MET A 186 -9.48 5.30 14.80
C MET A 186 -8.60 4.26 15.47
N LYS A 187 -8.53 3.06 14.95
CA LYS A 187 -7.74 2.00 15.56
C LYS A 187 -6.31 2.07 15.04
N PRO A 188 -5.31 2.27 15.90
CA PRO A 188 -3.94 2.56 15.40
C PRO A 188 -3.23 1.36 14.82
N GLU A 189 -3.82 0.16 14.95
N GLU A 189 -3.76 0.16 14.98
CA GLU A 189 -3.28 -1.03 14.34
CA GLU A 189 -3.12 -1.00 14.38
C GLU A 189 -3.45 -1.05 12.82
C GLU A 189 -3.34 -1.03 12.86
N PHE A 190 -4.25 -0.16 12.26
N PHE A 190 -4.34 -0.33 12.36
CA PHE A 190 -4.51 -0.15 10.84
CA PHE A 190 -4.53 -0.24 10.93
C PHE A 190 -3.68 0.92 10.14
C PHE A 190 -3.60 0.81 10.32
N LEU A 191 -3.11 0.51 9.02
N LEU A 191 -3.16 0.54 9.10
CA LEU A 191 -2.35 1.42 8.18
CA LEU A 191 -2.39 1.52 8.34
C LEU A 191 -3.29 2.12 7.22
C LEU A 191 -3.24 2.19 7.28
N HIS A 192 -2.94 3.45 7.03
CA HIS A 192 -3.62 4.24 6.01
C HIS A 192 -2.61 4.63 4.94
N LEU A 193 -2.87 4.20 3.70
CA LEU A 193 -2.03 4.49 2.54
C LEU A 193 -2.83 5.35 1.58
N THR A 194 -2.23 6.42 1.08
CA THR A 194 -2.95 7.40 0.28
C THR A 194 -2.26 7.65 -1.06
N PRO A 195 -2.91 7.26 -2.16
CA PRO A 195 -2.46 7.64 -3.50
C PRO A 195 -3.10 8.97 -3.90
N GLY A 196 -2.81 9.40 -5.12
CA GLY A 196 -3.23 10.73 -5.55
C GLY A 196 -2.40 11.83 -4.92
N VAL A 197 -1.07 11.66 -4.92
CA VAL A 197 -0.17 12.54 -4.21
C VAL A 197 0.88 13.11 -5.16
N GLN A 198 1.01 14.43 -5.16
CA GLN A 198 2.11 15.13 -5.82
C GLN A 198 2.44 16.38 -5.02
N LEU A 199 3.66 16.89 -5.19
CA LEU A 199 4.03 18.14 -4.54
C LEU A 199 3.25 19.32 -5.10
N GLU A 200 2.99 19.33 -6.40
CA GLU A 200 2.26 20.39 -7.07
C GLU A 200 0.79 20.03 -7.22
N ALA A 201 -0.06 21.07 -7.25
CA ALA A 201 -1.49 20.88 -7.41
C ALA A 201 -1.82 20.40 -8.82
N GLY A 202 -2.98 19.75 -8.93
CA GLY A 202 -3.57 19.43 -10.20
C GLY A 202 -4.13 18.04 -10.27
N GLY A 203 -3.96 17.42 -11.43
CA GLY A 203 -4.55 16.13 -11.71
C GLY A 203 -4.09 15.64 -13.06
N ASP A 204 -4.76 14.63 -13.60
CA ASP A 204 -4.52 14.19 -14.96
C ASP A 204 -5.80 14.36 -15.77
N ASN A 205 -5.77 13.91 -17.02
N ASN A 205 -5.77 13.91 -17.02
CA ASN A 205 -6.91 14.07 -17.91
CA ASN A 205 -6.92 14.08 -17.91
C ASN A 205 -7.84 12.88 -17.90
C ASN A 205 -7.86 12.89 -17.88
N LEU A 206 -7.67 11.97 -16.95
CA LEU A 206 -8.48 10.77 -16.80
C LEU A 206 -8.91 10.61 -15.36
N GLY A 207 -9.20 11.72 -14.69
CA GLY A 207 -9.83 11.69 -13.40
C GLY A 207 -8.94 11.65 -12.17
N GLN A 208 -7.62 11.53 -12.31
CA GLN A 208 -6.76 11.56 -11.14
C GLN A 208 -6.75 12.98 -10.59
N GLN A 209 -6.71 13.09 -9.25
CA GLN A 209 -6.64 14.36 -8.54
C GLN A 209 -5.54 14.26 -7.51
N TYR A 210 -4.78 15.35 -7.34
CA TYR A 210 -3.64 15.35 -6.44
C TYR A 210 -3.84 16.21 -5.19
N ASN A 211 -3.27 15.71 -4.10
CA ASN A 211 -3.04 16.47 -2.88
C ASN A 211 -1.58 16.29 -2.48
N SER A 212 -1.09 17.20 -1.63
CA SER A 212 0.32 17.17 -1.27
C SER A 212 0.58 16.23 -0.10
N PRO A 213 1.84 15.83 0.08
CA PRO A 213 2.18 15.06 1.28
C PRO A 213 1.82 15.74 2.57
N GLN A 214 2.04 17.05 2.66
CA GLN A 214 1.71 17.76 3.89
C GLN A 214 0.23 17.69 4.17
N GLU A 215 -0.60 17.86 3.14
CA GLU A 215 -2.05 17.75 3.32
C GLU A 215 -2.46 16.35 3.76
N VAL A 216 -1.98 15.31 3.07
N VAL A 216 -1.94 15.35 3.06
CA VAL A 216 -2.56 14.00 3.34
CA VAL A 216 -2.38 13.98 3.22
C VAL A 216 -1.98 13.35 4.61
C VAL A 216 -1.97 13.42 4.58
N ILE A 217 -0.69 13.56 4.90
CA ILE A 217 -0.13 13.01 6.13
C ILE A 217 -0.43 13.92 7.30
N GLY A 218 -0.22 15.22 7.13
CA GLY A 218 -0.29 16.15 8.23
C GLY A 218 -1.69 16.55 8.60
N LYS A 219 -2.52 16.92 7.62
N LYS A 219 -2.51 16.96 7.63
CA LYS A 219 -3.86 17.41 7.91
CA LYS A 219 -3.88 17.37 7.96
C LYS A 219 -4.92 16.31 7.85
C LYS A 219 -4.83 16.18 7.98
N ARG A 220 -4.77 15.32 6.98
CA ARG A 220 -5.76 14.26 6.79
C ARG A 220 -5.43 13.01 7.60
N GLY A 221 -4.26 12.94 8.20
CA GLY A 221 -3.94 11.88 9.14
C GLY A 221 -3.56 10.54 8.56
N SER A 222 -3.19 10.48 7.29
N SER A 222 -3.20 10.47 7.28
CA SER A 222 -2.77 9.22 6.70
CA SER A 222 -2.77 9.21 6.70
C SER A 222 -1.35 8.88 7.12
C SER A 222 -1.36 8.86 7.17
N ASP A 223 -0.94 7.63 6.90
CA ASP A 223 0.38 7.16 7.30
C ASP A 223 1.43 7.20 6.21
N ILE A 224 1.04 6.78 5.01
CA ILE A 224 1.97 6.52 3.91
C ILE A 224 1.43 7.19 2.66
N ILE A 225 2.31 7.85 1.90
CA ILE A 225 1.95 8.37 0.58
C ILE A 225 2.36 7.38 -0.49
N ILE A 226 1.49 7.21 -1.49
CA ILE A 226 1.76 6.40 -2.68
C ILE A 226 1.97 7.38 -3.83
N VAL A 227 3.16 7.36 -4.42
CA VAL A 227 3.55 8.36 -5.43
C VAL A 227 4.02 7.64 -6.68
N GLY A 228 3.37 7.95 -7.80
CA GLY A 228 3.69 7.39 -9.11
C GLY A 228 4.38 8.44 -9.98
N ARG A 229 3.62 9.06 -10.86
CA ARG A 229 4.17 10.02 -11.84
C ARG A 229 4.96 11.15 -11.21
N GLY A 230 4.65 11.57 -9.99
CA GLY A 230 5.46 12.61 -9.37
C GLY A 230 6.92 12.25 -9.24
N ILE A 231 7.21 10.95 -9.11
CA ILE A 231 8.56 10.43 -9.15
C ILE A 231 8.92 9.91 -10.54
N ILE A 232 8.09 9.01 -11.09
CA ILE A 232 8.49 8.25 -12.28
C ILE A 232 8.74 9.14 -13.48
N SER A 233 7.99 10.24 -13.63
CA SER A 233 8.17 11.12 -14.78
C SER A 233 9.28 12.14 -14.59
N ALA A 234 9.80 12.27 -13.39
CA ALA A 234 10.93 13.17 -13.15
C ALA A 234 12.19 12.63 -13.81
N ALA A 235 13.13 13.54 -14.13
CA ALA A 235 14.39 13.07 -14.69
C ALA A 235 15.18 12.26 -13.68
N ASP A 236 15.43 12.85 -12.51
CA ASP A 236 16.16 12.16 -11.45
C ASP A 236 15.15 11.59 -10.47
N ARG A 237 14.87 10.30 -10.63
CA ARG A 237 13.86 9.69 -9.79
C ARG A 237 14.36 9.52 -8.35
N LEU A 238 15.68 9.41 -8.13
CA LEU A 238 16.18 9.30 -6.77
C LEU A 238 15.97 10.58 -6.00
N GLU A 239 16.37 11.71 -6.57
CA GLU A 239 16.13 12.98 -5.89
C GLU A 239 14.64 13.22 -5.71
N ALA A 240 13.81 12.88 -6.71
CA ALA A 240 12.37 13.05 -6.53
C ALA A 240 11.88 12.22 -5.35
N ALA A 241 12.30 10.96 -5.28
CA ALA A 241 11.88 10.11 -4.17
C ALA A 241 12.30 10.73 -2.83
N GLU A 242 13.53 11.26 -2.76
CA GLU A 242 13.98 11.88 -1.51
C GLU A 242 13.13 13.08 -1.14
N MET A 243 12.70 13.89 -2.13
N MET A 243 12.74 13.90 -2.13
CA MET A 243 11.85 15.03 -1.82
CA MET A 243 11.85 15.02 -1.84
C MET A 243 10.51 14.57 -1.26
C MET A 243 10.56 14.52 -1.22
N TYR A 244 9.93 13.52 -1.84
CA TYR A 244 8.67 12.99 -1.34
C TYR A 244 8.85 12.34 0.03
N ARG A 245 9.95 11.60 0.24
CA ARG A 245 10.20 10.99 1.53
C ARG A 245 10.31 12.05 2.61
N LYS A 246 11.10 13.09 2.36
N LYS A 246 11.10 13.09 2.37
CA LYS A 246 11.30 14.12 3.37
CA LYS A 246 11.29 14.10 3.40
C LYS A 246 10.00 14.83 3.68
C LYS A 246 10.00 14.85 3.67
N ALA A 247 9.20 15.08 2.64
CA ALA A 247 7.91 15.74 2.83
C ALA A 247 6.99 14.90 3.71
N ALA A 248 6.84 13.62 3.38
CA ALA A 248 5.93 12.77 4.15
C ALA A 248 6.44 12.54 5.56
N TRP A 249 7.75 12.41 5.72
CA TRP A 249 8.30 12.09 7.04
C TRP A 249 8.15 13.28 7.97
N GLU A 250 8.48 14.48 7.49
N GLU A 250 8.44 14.49 7.49
CA GLU A 250 8.34 15.67 8.33
CA GLU A 250 8.35 15.65 8.36
C GLU A 250 6.87 15.89 8.69
C GLU A 250 6.89 16.03 8.64
N ALA A 251 5.97 15.70 7.73
CA ALA A 251 4.56 15.90 8.03
C ALA A 251 4.11 14.96 9.16
N TYR A 252 4.60 13.72 9.11
CA TYR A 252 4.32 12.76 10.18
C TYR A 252 4.90 13.24 11.51
N LEU A 253 6.17 13.66 11.51
CA LEU A 253 6.78 14.10 12.77
C LEU A 253 6.01 15.26 13.37
N SER A 254 5.61 16.21 12.53
CA SER A 254 4.92 17.39 13.02
C SER A 254 3.58 17.04 13.62
N ARG A 255 2.87 16.12 12.98
N ARG A 255 2.83 16.13 12.97
CA ARG A 255 1.59 15.69 13.52
CA ARG A 255 1.56 15.69 13.53
C ARG A 255 1.77 14.96 14.84
C ARG A 255 1.78 14.98 14.86
N LEU A 256 2.80 14.12 14.93
CA LEU A 256 3.04 13.35 16.13
C LEU A 256 3.36 14.24 17.30
N GLY A 257 4.09 15.33 17.07
CA GLY A 257 4.32 16.29 18.11
C GLY A 257 5.26 15.82 19.21
N VAL A 258 5.13 16.47 20.37
CA VAL A 258 6.01 16.22 21.52
C VAL A 258 5.59 14.97 22.27
#